data_6Y7I
#
_entry.id   6Y7I
#
_cell.length_a   58.139
_cell.length_b   38.380
_cell.length_c   60.839
_cell.angle_alpha   90.000
_cell.angle_beta   107.130
_cell.angle_gamma   90.000
#
_symmetry.space_group_name_H-M   'P 1 21 1'
#
loop_
_entity.id
_entity.type
_entity.pdbx_description
1 polymer 'Bromodomain-containing protein 9'
2 non-polymer 1-(8-pyridin-2-ylpyrrolo[1,2-a]pyrimidin-6-yl)ethanone
3 non-polymer 1,2-ETHANEDIOL
4 water water
#
_entity_poly.entity_id   1
_entity_poly.type   'polypeptide(L)'
_entity_poly.pdbx_seq_one_letter_code
;LKLSAENESTPIQQLLEHFLRQLQRKDPHGFFAFPVTDAIAPGYSMIIKHPMDFGTMKDKIVANEYKSVTEFKADFKLMC
DNAMTYNRPDTVYYKLAKKILHAGFKMMSKERLLALKRSMS
;
_entity_poly.pdbx_strand_id   A,B
#
loop_
_chem_comp.id
_chem_comp.type
_chem_comp.name
_chem_comp.formula
EDO non-polymer 1,2-ETHANEDIOL 'C2 H6 O2'
OF8 non-polymer 1-(8-pyridin-2-ylpyrrolo[1,2-a]pyrimidin-6-yl)ethanone 'C14 H11 N3 O'
#
# COMPACT_ATOMS: atom_id res chain seq x y z
N GLU A 8 -12.83 29.00 -8.89
CA GLU A 8 -13.79 28.17 -9.69
C GLU A 8 -14.53 26.92 -9.00
N SER A 9 -14.19 26.54 -7.78
CA SER A 9 -14.59 25.21 -7.23
C SER A 9 -15.79 25.26 -6.26
N THR A 10 -16.27 24.08 -5.87
CA THR A 10 -17.41 23.93 -4.98
C THR A 10 -16.97 22.97 -3.84
N PRO A 11 -17.76 22.85 -2.75
CA PRO A 11 -17.36 21.99 -1.67
C PRO A 11 -17.20 20.51 -2.10
N ILE A 12 -18.18 19.99 -2.82
CA ILE A 12 -18.09 18.55 -3.27
C ILE A 12 -16.85 18.36 -4.15
N GLN A 13 -16.56 19.29 -5.08
CA GLN A 13 -15.35 19.15 -5.89
C GLN A 13 -14.05 19.10 -5.07
N GLN A 14 -13.98 19.98 -4.04
CA GLN A 14 -12.81 19.96 -3.16
C GLN A 14 -12.67 18.65 -2.37
N LEU A 15 -13.81 18.12 -1.90
CA LEU A 15 -13.76 16.79 -1.20
C LEU A 15 -13.30 15.64 -2.12
N LEU A 16 -13.83 15.63 -3.34
CA LEU A 16 -13.40 14.59 -4.29
C LEU A 16 -11.95 14.74 -4.72
N GLU A 17 -11.47 15.97 -4.91
CA GLU A 17 -10.02 16.20 -5.20
C GLU A 17 -9.16 15.65 -4.11
N HIS A 18 -9.61 15.80 -2.86
CA HIS A 18 -8.88 15.23 -1.67
C HIS A 18 -8.77 13.70 -1.79
N PHE A 19 -9.91 13.02 -1.98
CA PHE A 19 -9.90 11.54 -2.09
C PHE A 19 -9.00 11.11 -3.28
N LEU A 20 -9.10 11.82 -4.41
CA LEU A 20 -8.35 11.41 -5.60
C LEU A 20 -6.83 11.58 -5.30
N ARG A 21 -6.44 12.72 -4.74
CA ARG A 21 -5.01 12.93 -4.38
C ARG A 21 -4.48 11.80 -3.45
N GLN A 22 -5.27 11.42 -2.44
CA GLN A 22 -4.84 10.37 -1.54
C GLN A 22 -4.68 8.99 -2.27
N LEU A 23 -5.60 8.69 -3.19
CA LEU A 23 -5.48 7.47 -3.99
C LEU A 23 -4.24 7.49 -4.91
N GLN A 24 -4.01 8.63 -5.57
CA GLN A 24 -2.84 8.76 -6.46
C GLN A 24 -1.48 8.62 -5.78
N ARG A 25 -1.40 8.97 -4.48
CA ARG A 25 -0.17 8.79 -3.71
C ARG A 25 0.31 7.35 -3.68
N LYS A 26 -0.61 6.41 -3.82
CA LYS A 26 -0.28 5.00 -3.81
C LYS A 26 0.39 4.51 -5.10
N ASP A 27 0.33 5.35 -6.16
CA ASP A 27 0.79 5.01 -7.52
C ASP A 27 1.85 6.05 -7.95
N PRO A 28 2.99 6.08 -7.25
CA PRO A 28 4.01 7.10 -7.56
C PRO A 28 4.52 7.09 -9.03
N HIS A 29 4.53 5.95 -9.70
CA HIS A 29 5.07 5.86 -11.08
C HIS A 29 4.05 6.28 -12.12
N GLY A 30 2.76 6.40 -11.73
CA GLY A 30 1.73 6.75 -12.64
C GLY A 30 1.22 5.69 -13.60
N PHE A 31 1.21 4.45 -13.17
CA PHE A 31 0.68 3.35 -14.03
C PHE A 31 -0.84 3.51 -14.26
N PHE A 32 -1.55 4.22 -13.33
CA PHE A 32 -2.96 4.44 -13.41
C PHE A 32 -3.29 5.89 -13.78
N ALA A 33 -2.29 6.67 -14.20
CA ALA A 33 -2.48 8.11 -14.44
C ALA A 33 -3.14 8.41 -15.78
N PHE A 34 -2.96 7.56 -16.79
CA PHE A 34 -3.48 7.82 -18.14
C PHE A 34 -4.21 6.57 -18.69
N PRO A 35 -5.02 6.71 -19.74
CA PRO A 35 -5.70 5.54 -20.28
C PRO A 35 -4.73 4.42 -20.76
N VAL A 36 -5.17 3.18 -20.56
CA VAL A 36 -4.52 2.03 -21.12
C VAL A 36 -4.91 1.90 -22.62
N THR A 37 -3.94 1.91 -23.51
CA THR A 37 -4.22 1.74 -24.96
C THR A 37 -3.90 0.31 -25.39
N ASP A 38 -4.40 -0.06 -26.57
CA ASP A 38 -4.01 -1.38 -27.14
C ASP A 38 -2.56 -1.54 -27.49
N ALA A 39 -1.88 -0.43 -27.78
CA ALA A 39 -0.44 -0.42 -27.91
C ALA A 39 0.31 -0.85 -26.66
N ILE A 40 -0.12 -0.38 -25.49
CA ILE A 40 0.58 -0.83 -24.27
CA ILE A 40 0.47 -0.72 -24.19
C ILE A 40 0.06 -2.16 -23.75
N ALA A 41 -1.19 -2.50 -24.02
CA ALA A 41 -1.82 -3.73 -23.51
C ALA A 41 -2.59 -4.42 -24.62
N PRO A 42 -2.00 -5.51 -25.19
CA PRO A 42 -2.64 -6.20 -26.35
C PRO A 42 -4.06 -6.69 -26.13
N GLY A 43 -4.96 -6.37 -27.05
CA GLY A 43 -6.34 -6.76 -26.95
C GLY A 43 -7.21 -6.12 -25.88
N TYR A 44 -6.68 -5.02 -25.30
CA TYR A 44 -7.35 -4.47 -24.10
C TYR A 44 -8.76 -4.13 -24.40
N SER A 45 -9.04 -3.43 -25.54
CA SER A 45 -10.38 -2.96 -25.89
C SER A 45 -11.37 -4.10 -26.22
N MET A 46 -10.86 -5.27 -26.50
CA MET A 46 -11.66 -6.49 -26.64
C MET A 46 -12.15 -7.04 -25.27
N ILE A 47 -11.31 -6.94 -24.24
CA ILE A 47 -11.56 -7.58 -22.97
C ILE A 47 -12.28 -6.64 -21.99
N ILE A 48 -11.88 -5.35 -22.00
CA ILE A 48 -12.38 -4.35 -21.07
C ILE A 48 -13.34 -3.42 -21.82
N LYS A 49 -14.59 -3.46 -21.43
CA LYS A 49 -15.65 -2.66 -22.10
C LYS A 49 -15.70 -1.19 -21.73
N HIS A 50 -15.34 -0.87 -20.49
CA HIS A 50 -15.54 0.50 -19.95
C HIS A 50 -14.21 0.93 -19.23
N PRO A 51 -13.22 1.40 -19.99
CA PRO A 51 -11.92 1.84 -19.48
CA PRO A 51 -11.93 1.81 -19.45
C PRO A 51 -12.07 3.01 -18.48
N MET A 52 -11.16 3.07 -17.51
CA MET A 52 -11.11 4.24 -16.57
C MET A 52 -9.69 4.39 -16.04
N ASP A 53 -9.34 5.63 -15.66
CA ASP A 53 -8.02 5.96 -15.17
C ASP A 53 -8.14 7.25 -14.30
N PHE A 54 -7.11 7.53 -13.56
CA PHE A 54 -7.07 8.70 -12.62
C PHE A 54 -7.17 10.01 -13.38
N GLY A 55 -6.53 10.15 -14.57
CA GLY A 55 -6.70 11.40 -15.33
C GLY A 55 -8.10 11.72 -15.76
N THR A 56 -8.81 10.71 -16.26
CA THR A 56 -10.18 10.84 -16.61
C THR A 56 -11.05 11.24 -15.43
N MET A 57 -10.80 10.60 -14.26
CA MET A 57 -11.53 10.97 -13.06
CA MET A 57 -11.52 10.97 -13.06
C MET A 57 -11.28 12.43 -12.66
N LYS A 58 -10.03 12.88 -12.72
CA LYS A 58 -9.75 14.32 -12.40
C LYS A 58 -10.53 15.27 -13.30
N ASP A 59 -10.53 14.95 -14.60
CA ASP A 59 -11.29 15.78 -15.55
C ASP A 59 -12.77 15.83 -15.24
N LYS A 60 -13.36 14.71 -14.82
CA LYS A 60 -14.76 14.64 -14.47
C LYS A 60 -15.05 15.51 -13.19
N ILE A 61 -14.13 15.45 -12.19
CA ILE A 61 -14.28 16.29 -11.00
C ILE A 61 -14.28 17.79 -11.40
N VAL A 62 -13.30 18.20 -12.20
CA VAL A 62 -13.17 19.61 -12.61
C VAL A 62 -14.41 20.09 -13.38
N ALA A 63 -14.96 19.22 -14.22
CA ALA A 63 -16.21 19.52 -14.97
C ALA A 63 -17.51 19.39 -14.17
N ASN A 64 -17.42 18.97 -12.91
CA ASN A 64 -18.53 18.82 -11.99
C ASN A 64 -19.54 17.76 -12.47
N GLU A 65 -19.01 16.67 -13.03
CA GLU A 65 -19.80 15.54 -13.50
C GLU A 65 -20.29 14.60 -12.37
N TYR A 66 -19.65 14.61 -11.18
CA TYR A 66 -20.04 13.69 -10.10
C TYR A 66 -21.05 14.40 -9.13
N LYS A 67 -22.22 13.80 -8.93
CA LYS A 67 -23.23 14.39 -8.02
C LYS A 67 -23.03 13.96 -6.56
N SER A 68 -22.27 12.89 -6.35
CA SER A 68 -22.19 12.23 -5.02
C SER A 68 -20.86 11.48 -4.90
N VAL A 69 -20.47 11.15 -3.66
CA VAL A 69 -19.29 10.31 -3.40
C VAL A 69 -19.54 8.94 -4.07
N THR A 70 -20.82 8.46 -4.02
CA THR A 70 -21.11 7.12 -4.64
C THR A 70 -20.71 7.09 -6.13
N GLU A 71 -21.02 8.12 -6.89
CA GLU A 71 -20.68 8.16 -8.33
C GLU A 71 -19.15 8.14 -8.55
N PHE A 72 -18.40 8.86 -7.71
CA PHE A 72 -16.93 8.90 -7.78
C PHE A 72 -16.36 7.52 -7.43
N LYS A 73 -16.85 6.94 -6.30
CA LYS A 73 -16.41 5.64 -5.82
C LYS A 73 -16.63 4.59 -6.90
N ALA A 74 -17.72 4.69 -7.63
CA ALA A 74 -18.00 3.71 -8.72
C ALA A 74 -16.92 3.72 -9.85
N ASP A 75 -16.47 4.91 -10.28
CA ASP A 75 -15.39 5.00 -11.23
C ASP A 75 -14.04 4.45 -10.66
N PHE A 76 -13.74 4.77 -9.38
CA PHE A 76 -12.55 4.26 -8.71
C PHE A 76 -12.54 2.72 -8.72
N LYS A 77 -13.66 2.12 -8.36
CA LYS A 77 -13.71 0.66 -8.32
C LYS A 77 -13.62 0.10 -9.70
N LEU A 78 -14.33 0.68 -10.67
CA LEU A 78 -14.19 0.27 -12.09
C LEU A 78 -12.73 0.19 -12.60
N MET A 79 -11.93 1.22 -12.30
CA MET A 79 -10.53 1.28 -12.63
C MET A 79 -9.72 0.10 -12.05
N CYS A 80 -9.97 -0.18 -10.78
CA CYS A 80 -9.28 -1.29 -10.11
C CYS A 80 -9.76 -2.65 -10.65
N ASP A 81 -11.10 -2.79 -10.81
CA ASP A 81 -11.67 -4.04 -11.34
C ASP A 81 -11.18 -4.35 -12.75
N ASN A 82 -11.05 -3.33 -13.64
CA ASN A 82 -10.51 -3.57 -14.98
C ASN A 82 -9.09 -4.12 -14.89
N ALA A 83 -8.25 -3.57 -14.04
CA ALA A 83 -6.87 -4.00 -13.88
C ALA A 83 -6.74 -5.44 -13.36
N MET A 84 -7.59 -5.79 -12.38
CA MET A 84 -7.57 -7.16 -11.83
CA MET A 84 -7.57 -7.15 -11.84
C MET A 84 -8.16 -8.18 -12.80
N THR A 85 -9.03 -7.78 -13.76
CA THR A 85 -9.63 -8.70 -14.79
C THR A 85 -8.67 -8.91 -15.95
N TYR A 86 -8.07 -7.84 -16.45
CA TYR A 86 -7.14 -7.97 -17.56
C TYR A 86 -5.79 -8.57 -17.23
N ASN A 87 -5.15 -8.14 -16.13
CA ASN A 87 -3.79 -8.57 -15.79
C ASN A 87 -3.76 -9.84 -14.96
N ARG A 88 -2.72 -10.68 -15.14
CA ARG A 88 -2.55 -11.86 -14.28
C ARG A 88 -2.23 -11.50 -12.81
N PRO A 89 -2.63 -12.35 -11.85
CA PRO A 89 -2.35 -12.05 -10.45
C PRO A 89 -0.91 -11.85 -10.01
N ASP A 90 0.04 -12.41 -10.77
CA ASP A 90 1.45 -12.20 -10.52
C ASP A 90 2.07 -10.92 -11.04
N THR A 91 1.29 -9.97 -11.57
CA THR A 91 1.86 -8.76 -12.15
C THR A 91 1.75 -7.57 -11.20
N VAL A 92 2.62 -6.58 -11.43
CA VAL A 92 2.58 -5.33 -10.65
C VAL A 92 1.23 -4.62 -10.77
N TYR A 93 0.63 -4.68 -11.96
CA TYR A 93 -0.63 -3.99 -12.20
C TYR A 93 -1.75 -4.57 -11.30
N TYR A 94 -1.82 -5.88 -11.24
CA TYR A 94 -2.86 -6.58 -10.42
C TYR A 94 -2.65 -6.24 -8.96
N LYS A 95 -1.40 -6.38 -8.49
CA LYS A 95 -1.12 -6.18 -7.06
C LYS A 95 -1.36 -4.71 -6.64
N LEU A 96 -0.97 -3.75 -7.51
CA LEU A 96 -1.14 -2.34 -7.17
C LEU A 96 -2.69 -1.99 -7.17
N ALA A 97 -3.44 -2.51 -8.12
CA ALA A 97 -4.88 -2.30 -8.16
C ALA A 97 -5.59 -2.78 -6.84
N LYS A 98 -5.14 -3.93 -6.32
CA LYS A 98 -5.65 -4.51 -5.07
C LYS A 98 -5.32 -3.58 -3.92
N LYS A 99 -4.09 -3.08 -3.85
CA LYS A 99 -3.71 -2.04 -2.89
C LYS A 99 -4.55 -0.75 -2.93
N ILE A 100 -4.76 -0.21 -4.14
CA ILE A 100 -5.56 0.99 -4.31
C ILE A 100 -7.03 0.72 -3.90
N LEU A 101 -7.60 -0.44 -4.26
CA LEU A 101 -8.96 -0.79 -3.96
C LEU A 101 -9.18 -0.80 -2.42
N HIS A 102 -8.25 -1.44 -1.69
CA HIS A 102 -8.32 -1.47 -0.25
C HIS A 102 -8.27 -0.08 0.35
N ALA A 103 -7.32 0.73 -0.11
CA ALA A 103 -7.21 2.14 0.33
C ALA A 103 -8.49 2.93 0.15
N GLY A 104 -9.11 2.85 -1.01
CA GLY A 104 -10.29 3.61 -1.22
C GLY A 104 -11.53 3.15 -0.47
N PHE A 105 -11.66 1.86 -0.30
CA PHE A 105 -12.79 1.33 0.49
C PHE A 105 -12.67 1.79 1.96
N LYS A 106 -11.46 1.85 2.48
CA LYS A 106 -11.25 2.36 3.84
C LYS A 106 -11.55 3.86 3.94
N MET A 107 -11.02 4.62 2.97
CA MET A 107 -11.13 6.09 2.99
C MET A 107 -12.56 6.59 2.82
N MET A 108 -13.35 5.88 1.99
CA MET A 108 -14.72 6.29 1.62
C MET A 108 -15.79 5.36 2.25
N SER A 109 -15.45 4.74 3.36
CA SER A 109 -16.46 3.86 4.03
C SER A 109 -17.69 4.68 4.52
N LYS A 110 -18.83 3.99 4.68
CA LYS A 110 -19.97 4.64 5.29
C LYS A 110 -19.66 5.22 6.69
N GLU A 111 -18.81 4.59 7.50
CA GLU A 111 -18.42 5.11 8.79
C GLU A 111 -17.68 6.46 8.66
N ARG A 112 -16.72 6.53 7.74
CA ARG A 112 -16.00 7.80 7.53
C ARG A 112 -16.90 8.92 6.99
N LEU A 113 -17.78 8.59 6.06
CA LEU A 113 -18.71 9.55 5.51
C LEU A 113 -19.72 10.10 6.58
N LEU A 114 -20.16 9.18 7.46
CA LEU A 114 -21.00 9.58 8.59
C LEU A 114 -20.30 10.61 9.48
N ALA A 115 -19.04 10.37 9.82
CA ALA A 115 -18.26 11.32 10.68
C ALA A 115 -18.15 12.66 9.99
N LEU A 116 -17.89 12.63 8.68
CA LEU A 116 -17.86 13.88 7.90
C LEU A 116 -19.23 14.63 7.90
N LYS A 117 -20.33 13.90 7.69
CA LYS A 117 -21.64 14.51 7.70
C LYS A 117 -21.96 15.15 9.10
N ARG A 118 -21.55 14.50 10.19
CA ARG A 118 -21.79 15.04 11.52
C ARG A 118 -21.00 16.36 11.72
N SER A 119 -19.80 16.43 11.16
CA SER A 119 -18.98 17.69 11.23
C SER A 119 -19.55 18.83 10.35
N MET A 120 -20.48 18.56 9.44
CA MET A 120 -21.14 19.56 8.57
C MET A 120 -22.37 20.15 9.23
N SER A 121 -22.35 20.22 10.54
CA SER A 121 -23.39 20.85 11.36
C SER A 121 -22.87 22.06 12.04
N GLU B 8 15.58 12.52 -6.77
CA GLU B 8 15.06 13.15 -5.52
C GLU B 8 14.37 12.09 -4.60
N SER B 9 15.01 11.82 -3.46
CA SER B 9 14.40 11.28 -2.23
C SER B 9 14.31 12.37 -1.15
N THR B 10 13.85 12.02 0.03
CA THR B 10 13.77 12.88 1.18
C THR B 10 14.60 12.28 2.32
N PRO B 11 14.94 13.07 3.33
CA PRO B 11 15.74 12.52 4.44
C PRO B 11 15.01 11.35 5.14
N ILE B 12 13.72 11.49 5.42
CA ILE B 12 12.97 10.39 6.11
C ILE B 12 13.02 9.13 5.22
N GLN B 13 12.78 9.25 3.91
CA GLN B 13 12.88 8.09 3.02
C GLN B 13 14.26 7.40 3.08
N GLN B 14 15.34 8.19 3.06
CA GLN B 14 16.67 7.65 3.17
C GLN B 14 16.92 6.96 4.52
N LEU B 15 16.43 7.53 5.62
CA LEU B 15 16.53 6.85 6.96
C LEU B 15 15.76 5.53 7.01
N LEU B 16 14.56 5.52 6.44
CA LEU B 16 13.81 4.25 6.44
C LEU B 16 14.42 3.23 5.51
N GLU B 17 14.94 3.64 4.34
CA GLU B 17 15.65 2.70 3.43
C GLU B 17 16.83 2.07 4.15
N HIS B 18 17.52 2.86 4.98
CA HIS B 18 18.66 2.32 5.77
C HIS B 18 18.18 1.24 6.76
N PHE B 19 17.15 1.54 7.56
CA PHE B 19 16.65 0.53 8.54
C PHE B 19 16.20 -0.74 7.77
N LEU B 20 15.52 -0.54 6.62
CA LEU B 20 15.02 -1.72 5.90
C LEU B 20 16.19 -2.56 5.37
N ARG B 21 17.19 -1.92 4.76
CA ARG B 21 18.40 -2.65 4.31
C ARG B 21 19.05 -3.46 5.43
N GLN B 22 19.19 -2.85 6.60
CA GLN B 22 19.80 -3.53 7.76
C GLN B 22 18.97 -4.74 8.21
N LEU B 23 17.63 -4.61 8.19
CA LEU B 23 16.74 -5.72 8.57
C LEU B 23 16.82 -6.82 7.55
N GLN B 24 16.86 -6.49 6.26
CA GLN B 24 16.93 -7.53 5.19
C GLN B 24 18.24 -8.32 5.25
N ARG B 25 19.33 -7.73 5.71
CA ARG B 25 20.60 -8.48 5.93
C ARG B 25 20.46 -9.64 6.90
N LYS B 26 19.50 -9.56 7.79
CA LYS B 26 19.22 -10.61 8.76
CA LYS B 26 19.20 -10.60 8.76
C LYS B 26 18.37 -11.74 8.18
N ASP B 27 17.90 -11.58 6.93
CA ASP B 27 17.10 -12.60 6.19
C ASP B 27 17.86 -12.91 4.88
N PRO B 28 19.05 -13.52 5.01
CA PRO B 28 19.88 -13.75 3.81
C PRO B 28 19.20 -14.59 2.68
N HIS B 29 18.33 -15.52 3.06
CA HIS B 29 17.72 -16.44 2.09
C HIS B 29 16.46 -15.82 1.44
N GLY B 30 15.98 -14.70 1.97
CA GLY B 30 14.83 -13.99 1.38
C GLY B 30 13.46 -14.56 1.66
N PHE B 31 13.31 -15.20 2.83
CA PHE B 31 11.99 -15.74 3.23
C PHE B 31 10.93 -14.67 3.40
N PHE B 32 11.37 -13.42 3.72
CA PHE B 32 10.48 -12.31 4.03
C PHE B 32 10.46 -11.28 2.90
N ALA B 33 11.12 -11.59 1.77
CA ALA B 33 11.36 -10.58 0.72
C ALA B 33 10.09 -10.20 -0.11
N PHE B 34 9.21 -11.17 -0.30
CA PHE B 34 8.01 -11.02 -1.18
C PHE B 34 6.75 -11.57 -0.43
N PRO B 35 5.54 -11.21 -0.90
CA PRO B 35 4.36 -11.76 -0.23
C PRO B 35 4.26 -13.29 -0.27
N VAL B 36 3.74 -13.84 0.80
CA VAL B 36 3.55 -15.30 0.95
C VAL B 36 2.31 -15.73 0.10
N THR B 37 2.52 -16.66 -0.81
CA THR B 37 1.42 -17.15 -1.68
C THR B 37 0.80 -18.41 -1.13
N ASP B 38 -0.46 -18.63 -1.48
CA ASP B 38 -1.13 -19.90 -1.12
C ASP B 38 -0.50 -21.15 -1.71
N ALA B 39 0.16 -21.02 -2.85
CA ALA B 39 0.93 -22.09 -3.42
C ALA B 39 2.09 -22.54 -2.51
N ILE B 40 2.83 -21.61 -1.90
CA ILE B 40 3.91 -22.05 -1.03
C ILE B 40 3.45 -22.35 0.38
N ALA B 41 2.36 -21.73 0.81
CA ALA B 41 1.84 -21.86 2.17
C ALA B 41 0.33 -22.09 2.13
N PRO B 42 -0.12 -23.37 2.21
CA PRO B 42 -1.57 -23.64 2.09
C PRO B 42 -2.45 -22.95 3.11
N GLY B 43 -3.56 -22.38 2.61
CA GLY B 43 -4.47 -21.64 3.45
C GLY B 43 -4.01 -20.28 3.95
N TYR B 44 -2.89 -19.77 3.46
CA TYR B 44 -2.32 -18.54 4.09
C TYR B 44 -3.35 -17.40 4.08
N SER B 45 -3.98 -17.17 2.93
CA SER B 45 -4.94 -16.04 2.76
C SER B 45 -6.24 -16.20 3.56
N MET B 46 -6.54 -17.46 3.94
CA MET B 46 -7.62 -17.76 4.87
C MET B 46 -7.31 -17.40 6.33
N ILE B 47 -6.06 -17.53 6.74
CA ILE B 47 -5.67 -17.37 8.15
C ILE B 47 -5.20 -15.94 8.44
N ILE B 48 -4.43 -15.36 7.51
CA ILE B 48 -3.73 -14.08 7.75
C ILE B 48 -4.48 -12.94 7.05
N LYS B 49 -5.09 -12.09 7.85
CA LYS B 49 -5.99 -11.01 7.37
C LYS B 49 -5.25 -9.80 6.83
N HIS B 50 -4.06 -9.52 7.35
CA HIS B 50 -3.30 -8.30 6.94
C HIS B 50 -1.84 -8.71 6.65
N PRO B 51 -1.58 -9.28 5.48
CA PRO B 51 -0.25 -9.72 5.07
C PRO B 51 0.74 -8.53 4.99
N MET B 52 2.00 -8.84 5.30
CA MET B 52 3.08 -7.84 5.16
C MET B 52 4.38 -8.56 4.85
N ASP B 53 5.28 -7.88 4.13
CA ASP B 53 6.56 -8.42 3.73
C ASP B 53 7.51 -7.21 3.41
N PHE B 54 8.80 -7.49 3.32
CA PHE B 54 9.81 -6.46 3.07
C PHE B 54 9.62 -5.72 1.74
N GLY B 55 9.23 -6.40 0.68
CA GLY B 55 8.95 -5.72 -0.62
C GLY B 55 7.83 -4.71 -0.57
N THR B 56 6.73 -5.05 0.07
CA THR B 56 5.62 -4.15 0.27
C THR B 56 6.04 -2.93 1.12
N MET B 57 6.87 -3.15 2.14
CA MET B 57 7.39 -2.05 2.92
C MET B 57 8.27 -1.13 2.07
N LYS B 58 9.12 -1.67 1.23
CA LYS B 58 9.95 -0.85 0.32
C LYS B 58 9.05 0.02 -0.59
N ASP B 59 8.02 -0.59 -1.14
CA ASP B 59 7.05 0.15 -1.99
C ASP B 59 6.36 1.28 -1.24
N LYS B 60 6.04 1.09 0.03
CA LYS B 60 5.46 2.13 0.87
C LYS B 60 6.48 3.28 1.09
N ILE B 61 7.74 2.92 1.31
CA ILE B 61 8.76 4.02 1.46
C ILE B 61 8.86 4.84 0.13
N VAL B 62 8.94 4.13 -1.01
CA VAL B 62 9.00 4.81 -2.33
C VAL B 62 7.79 5.74 -2.59
N ALA B 63 6.60 5.30 -2.19
CA ALA B 63 5.38 6.11 -2.29
C ALA B 63 5.23 7.20 -1.21
N ASN B 64 6.17 7.25 -0.25
CA ASN B 64 6.23 8.21 0.83
C ASN B 64 5.01 8.12 1.74
N GLU B 65 4.61 6.88 2.03
CA GLU B 65 3.43 6.58 2.84
C GLU B 65 3.69 6.56 4.34
N TYR B 66 4.95 6.47 4.80
CA TYR B 66 5.25 6.44 6.25
C TYR B 66 5.52 7.89 6.74
N LYS B 67 4.72 8.33 7.71
CA LYS B 67 4.89 9.67 8.33
C LYS B 67 5.94 9.64 9.45
N SER B 68 6.21 8.47 9.99
CA SER B 68 7.05 8.32 11.16
C SER B 68 7.73 6.97 11.24
N VAL B 69 8.81 6.89 12.01
CA VAL B 69 9.48 5.59 12.28
C VAL B 69 8.49 4.65 13.01
N THR B 70 7.62 5.20 13.83
CA THR B 70 6.60 4.36 14.55
C THR B 70 5.70 3.59 13.55
N GLU B 71 5.21 4.26 12.51
CA GLU B 71 4.39 3.60 11.48
C GLU B 71 5.21 2.49 10.73
N PHE B 72 6.49 2.72 10.48
CA PHE B 72 7.37 1.73 9.84
C PHE B 72 7.57 0.53 10.76
N LYS B 73 7.90 0.80 12.04
CA LYS B 73 8.09 -0.26 13.03
CA LYS B 73 8.10 -0.29 13.02
C LYS B 73 6.83 -1.13 13.15
N ALA B 74 5.68 -0.50 13.08
CA ALA B 74 4.37 -1.26 13.15
C ALA B 74 4.19 -2.27 11.98
N ASP B 75 4.56 -1.89 10.73
CA ASP B 75 4.50 -2.87 9.63
C ASP B 75 5.54 -3.99 9.81
N PHE B 76 6.75 -3.66 10.31
CA PHE B 76 7.75 -4.68 10.55
C PHE B 76 7.26 -5.69 11.62
N LYS B 77 6.65 -5.21 12.69
CA LYS B 77 6.14 -6.13 13.71
CA LYS B 77 6.09 -6.07 13.74
C LYS B 77 4.98 -6.93 13.16
N LEU B 78 4.08 -6.32 12.39
CA LEU B 78 2.99 -7.07 11.69
C LEU B 78 3.52 -8.27 10.88
N MET B 79 4.56 -8.05 10.08
CA MET B 79 5.20 -9.07 9.27
C MET B 79 5.68 -10.27 10.16
N CYS B 80 6.34 -9.94 11.24
CA CYS B 80 6.88 -10.95 12.14
C CYS B 80 5.74 -11.68 12.89
N ASP B 81 4.78 -10.92 13.39
CA ASP B 81 3.59 -11.50 14.08
C ASP B 81 2.78 -12.46 13.18
N ASN B 82 2.62 -12.10 11.91
CA ASN B 82 1.99 -13.02 10.94
C ASN B 82 2.73 -14.35 10.80
N ALA B 83 4.06 -14.28 10.70
CA ALA B 83 4.90 -15.48 10.60
C ALA B 83 4.82 -16.37 11.84
N MET B 84 4.77 -15.77 13.01
CA MET B 84 4.67 -16.52 14.27
C MET B 84 3.26 -17.12 14.47
N THR B 85 2.21 -16.58 13.84
CA THR B 85 0.80 -17.05 13.94
C THR B 85 0.52 -18.17 12.94
N TYR B 86 1.00 -18.01 11.71
CA TYR B 86 0.80 -19.05 10.69
C TYR B 86 1.69 -20.29 10.88
N ASN B 87 2.98 -20.09 11.15
CA ASN B 87 3.94 -21.20 11.21
C ASN B 87 4.05 -21.78 12.61
N ARG B 88 4.23 -23.10 12.72
CA ARG B 88 4.44 -23.77 14.02
CA ARG B 88 4.41 -23.68 14.06
C ARG B 88 5.80 -23.37 14.66
N PRO B 89 5.88 -23.37 16.01
CA PRO B 89 7.13 -22.95 16.67
C PRO B 89 8.41 -23.69 16.32
N ASP B 90 8.30 -24.93 15.88
CA ASP B 90 9.42 -25.73 15.46
C ASP B 90 9.95 -25.46 14.06
N THR B 91 9.44 -24.47 13.32
CA THR B 91 9.90 -24.25 11.95
C THR B 91 10.91 -23.11 11.85
N VAL B 92 11.67 -23.14 10.77
CA VAL B 92 12.65 -22.08 10.48
C VAL B 92 11.98 -20.70 10.36
N TYR B 93 10.77 -20.68 9.80
CA TYR B 93 10.08 -19.39 9.57
C TYR B 93 9.71 -18.73 10.88
N TYR B 94 9.17 -19.53 11.81
CA TYR B 94 8.76 -18.99 13.13
C TYR B 94 10.03 -18.49 13.85
N LYS B 95 11.08 -19.31 13.87
CA LYS B 95 12.30 -18.93 14.63
C LYS B 95 12.98 -17.67 14.05
N LEU B 96 13.04 -17.59 12.71
CA LEU B 96 13.66 -16.44 12.03
C LEU B 96 12.86 -15.15 12.31
N ALA B 97 11.53 -15.24 12.23
CA ALA B 97 10.68 -14.11 12.56
C ALA B 97 10.93 -13.54 13.95
N LYS B 98 11.00 -14.45 14.94
CA LYS B 98 11.29 -14.08 16.32
C LYS B 98 12.66 -13.37 16.46
N LYS B 99 13.67 -13.92 15.83
CA LYS B 99 15.02 -13.30 15.82
C LYS B 99 15.05 -11.91 15.16
N ILE B 100 14.42 -11.80 14.00
CA ILE B 100 14.41 -10.49 13.32
CA ILE B 100 14.29 -10.54 13.23
C ILE B 100 13.56 -9.50 14.06
N LEU B 101 12.42 -9.88 14.68
CA LEU B 101 11.66 -8.96 15.52
C LEU B 101 12.50 -8.31 16.64
N HIS B 102 13.25 -9.13 17.37
CA HIS B 102 14.12 -8.58 18.41
C HIS B 102 15.22 -7.68 17.85
N ALA B 103 15.80 -8.06 16.73
CA ALA B 103 16.77 -7.17 16.04
C ALA B 103 16.27 -5.81 15.65
N GLY B 104 15.08 -5.76 15.10
CA GLY B 104 14.47 -4.48 14.77
C GLY B 104 14.13 -3.59 15.93
N PHE B 105 13.64 -4.20 16.98
CA PHE B 105 13.32 -3.44 18.15
C PHE B 105 14.56 -2.89 18.84
N LYS B 106 15.68 -3.57 18.77
CA LYS B 106 16.96 -3.04 19.29
C LYS B 106 17.47 -1.87 18.40
N MET B 107 17.41 -2.06 17.08
CA MET B 107 17.89 -1.05 16.11
C MET B 107 17.10 0.26 16.17
N MET B 108 15.79 0.17 16.38
CA MET B 108 14.86 1.29 16.39
CA MET B 108 14.89 1.29 16.35
C MET B 108 14.30 1.59 17.77
N SER B 109 15.08 1.30 18.80
CA SER B 109 14.62 1.56 20.18
C SER B 109 14.46 3.05 20.44
N LYS B 110 13.63 3.38 21.44
CA LYS B 110 13.53 4.76 21.95
C LYS B 110 14.91 5.39 22.25
N GLU B 111 15.83 4.61 22.86
CA GLU B 111 17.16 5.10 23.20
C GLU B 111 17.97 5.44 21.95
N ARG B 112 17.97 4.53 20.98
CA ARG B 112 18.68 4.81 19.70
C ARG B 112 18.09 6.03 18.95
N LEU B 113 16.79 6.15 18.90
CA LEU B 113 16.16 7.27 18.20
C LEU B 113 16.44 8.61 18.90
N LEU B 114 16.50 8.57 20.24
CA LEU B 114 16.90 9.77 20.98
C LEU B 114 18.28 10.27 20.60
N ALA B 115 19.24 9.34 20.52
CA ALA B 115 20.62 9.68 20.16
C ALA B 115 20.66 10.23 18.75
N LEU B 116 19.91 9.59 17.84
CA LEU B 116 19.78 10.13 16.46
C LEU B 116 19.20 11.54 16.42
N LYS B 117 18.13 11.79 17.17
CA LYS B 117 17.53 13.15 17.21
C LYS B 117 18.56 14.20 17.72
N ARG B 118 19.36 13.82 18.72
CA ARG B 118 20.36 14.76 19.25
CA ARG B 118 20.44 14.70 19.27
C ARG B 118 21.45 15.08 18.18
N SER B 119 21.77 14.11 17.31
CA SER B 119 22.74 14.33 16.22
C SER B 119 22.17 15.21 15.06
N MET B 120 20.84 15.44 15.03
CA MET B 120 20.15 16.33 14.09
C MET B 120 20.10 17.74 14.63
N SER B 121 21.15 18.16 15.25
CA SER B 121 21.40 19.52 15.67
C SER B 121 22.56 20.03 14.86
CAC OF8 C . -3.34 -0.11 -15.57
CAB OF8 C . -2.85 -1.20 -16.47
OAA OF8 C . -3.54 -2.26 -16.55
CAD OF8 C . -1.64 -1.03 -17.10
CAE OF8 C . -0.80 0.09 -17.14
NAR OF8 C . -1.00 -2.01 -17.88
CAQ OF8 C . -1.41 -3.36 -18.21
CAP OF8 C . -0.58 -4.08 -19.04
CAO OF8 C . 0.62 -3.48 -19.50
NAN OF8 C . 1.01 -2.21 -19.21
CAM OF8 C . 0.18 -1.45 -18.36
CAF OF8 C . 0.30 -0.16 -17.92
CAG OF8 C . 1.44 0.68 -18.20
NAL OF8 C . 2.74 0.23 -18.03
CAK OF8 C . 3.89 1.07 -18.41
CAJ OF8 C . 3.60 2.35 -18.84
CAI OF8 C . 2.31 2.84 -18.96
CAH OF8 C . 1.22 1.98 -18.60
C1 EDO D . -25.30 15.85 13.26
O1 EDO D . -25.27 17.26 13.34
C2 EDO D . -26.75 15.43 13.12
O2 EDO D . -27.18 14.69 14.26
CAC OF8 E . 7.35 -15.97 5.94
CAB OF8 E . 6.69 -17.36 5.72
OAA OF8 E . 5.74 -17.55 6.48
CAD OF8 E . 7.17 -18.17 4.73
CAE OF8 E . 8.17 -17.90 3.84
NAR OF8 E . 6.78 -19.45 4.47
CAQ OF8 E . 5.80 -20.17 5.12
CAP OF8 E . 5.53 -21.48 4.70
CAO OF8 E . 6.26 -22.01 3.66
NAN OF8 E . 7.25 -21.24 3.03
CAM OF8 E . 7.52 -19.95 3.45
CAF OF8 E . 8.41 -19.00 3.05
CAG OF8 E . 9.30 -19.14 2.01
NAL OF8 E . 9.91 -20.33 1.76
CAK OF8 E . 10.82 -20.51 0.68
CAJ OF8 E . 11.11 -19.47 -0.21
CAI OF8 E . 10.50 -18.24 0.06
CAH OF8 E . 9.62 -18.11 1.14
#